data_7Y4U
#
_entry.id   7Y4U
#
_cell.length_a   65.625
_cell.length_b   65.625
_cell.length_c   187.911
_cell.angle_alpha   90.000
_cell.angle_beta   90.000
_cell.angle_gamma   90.000
#
_symmetry.space_group_name_H-M   'P 41 21 2'
#
loop_
_entity.id
_entity.type
_entity.pdbx_description
1 polymer 'Hepatocyte growth factor receptor'
2 non-polymer ~{N}-methyl-4-[1-[2-[3-(1-methylpyrazol-4-yl)quinolin-6-yl]ethyl]-6-oxidanylidene-pyridazin-3-yl]-2-(trifluoromethyl)benzamide
3 water water
#
_entity_poly.entity_id   1
_entity_poly.type   'polypeptide(L)'
_entity_poly.pdbx_seq_one_letter_code
;GDSDISSPLLQNTVHIDLSALNPELVQAVQHVVIGPSSLIVHFNEVIGRGHFGCVYHGTLLDNDGKKIHCAVKSLNRITD
IGEVSQFLTEGIIMKDFSHPNVLSLLGICLRSEGSPLVVLPYMKHGDLRNFIRNETHNPTVKDLIGFGLQVAKGMKYLAS
KKFVHRDLAARNCMLDEKFTVKVADFGLARDMYDKEYYSVHNKTGAKLPVKWMALESLQTQKFTTKSDVWSFGVLLWELM
TRGAPPYPDVNTFDITVYLLQGRRLLQPEYCPDPLYEVMLKCWHPKAEMRPSFSELVSRISAIFSTFIG
;
_entity_poly.pdbx_strand_id   A
#
loop_
_chem_comp.id
_chem_comp.type
_chem_comp.name
_chem_comp.formula
I94 non-polymer ~{N}-methyl-4-[1-[2-[3-(1-methylpyrazol-4-yl)quinolin-6-yl]ethyl]-6-oxidanylidene-pyridazin-3-yl]-2-(trifluoromethyl)benzamide 'C28 H23 F3 N6 O2'
#
# COMPACT_ATOMS: atom_id res chain seq x y z
N GLU A 24 0.16 22.83 -18.87
CA GLU A 24 -0.44 23.42 -17.68
C GLU A 24 0.60 23.63 -16.58
N LEU A 25 0.89 24.90 -16.28
CA LEU A 25 1.78 25.31 -15.18
C LEU A 25 3.17 24.71 -15.42
N VAL A 26 3.87 24.31 -14.36
CA VAL A 26 5.20 23.75 -14.51
C VAL A 26 5.14 22.42 -15.26
N GLN A 27 6.18 22.15 -16.04
CA GLN A 27 6.21 20.94 -16.87
C GLN A 27 7.41 20.08 -16.52
N ALA A 28 7.69 19.89 -15.22
CA ALA A 28 8.66 18.90 -14.80
C ALA A 28 8.13 17.48 -14.94
N VAL A 29 6.84 17.33 -15.25
CA VAL A 29 6.29 16.01 -15.54
C VAL A 29 6.69 15.52 -16.91
N GLN A 30 7.20 16.41 -17.78
CA GLN A 30 7.63 16.00 -19.11
C GLN A 30 8.77 14.99 -19.07
N HIS A 31 9.41 14.83 -17.92
CA HIS A 31 10.47 13.84 -17.78
C HIS A 31 9.93 12.41 -17.81
N VAL A 32 8.64 12.21 -17.57
CA VAL A 32 8.06 10.88 -17.49
C VAL A 32 6.85 10.76 -18.41
N VAL A 33 6.66 11.72 -19.31
CA VAL A 33 5.53 11.68 -20.22
C VAL A 33 5.72 10.55 -21.24
N ILE A 34 4.68 9.76 -21.45
CA ILE A 34 4.69 8.66 -22.40
C ILE A 34 3.83 9.05 -23.61
N GLY A 35 4.36 8.84 -24.80
CA GLY A 35 3.63 9.11 -26.02
C GLY A 35 2.50 8.14 -26.23
N PRO A 36 1.32 8.66 -26.60
CA PRO A 36 0.16 7.79 -26.83
C PRO A 36 0.41 6.67 -27.83
N SER A 37 1.33 6.85 -28.77
CA SER A 37 1.67 5.80 -29.72
C SER A 37 2.58 4.74 -29.13
N SER A 38 3.13 4.97 -27.94
CA SER A 38 3.96 3.99 -27.26
C SER A 38 3.21 3.18 -26.22
N LEU A 39 1.89 3.38 -26.11
CA LEU A 39 1.09 2.69 -25.10
C LEU A 39 -0.26 2.32 -25.70
N ILE A 40 -0.67 1.07 -25.51
CA ILE A 40 -2.00 0.62 -25.86
C ILE A 40 -2.67 0.11 -24.58
N VAL A 41 -3.86 0.65 -24.30
CA VAL A 41 -4.62 0.30 -23.10
C VAL A 41 -5.69 -0.72 -23.50
N HIS A 42 -5.60 -1.92 -22.92
CA HIS A 42 -6.61 -2.96 -23.16
C HIS A 42 -7.80 -2.69 -22.27
N PHE A 43 -8.72 -1.84 -22.76
CA PHE A 43 -9.88 -1.43 -21.99
C PHE A 43 -10.82 -2.60 -21.68
N ASN A 44 -10.67 -3.73 -22.36
CA ASN A 44 -11.53 -4.88 -22.12
C ASN A 44 -11.13 -5.70 -20.90
N GLU A 45 -9.97 -5.42 -20.31
CA GLU A 45 -9.41 -6.24 -19.23
C GLU A 45 -9.17 -5.37 -18.00
N VAL A 46 -10.12 -5.38 -17.07
CA VAL A 46 -10.03 -4.59 -15.84
C VAL A 46 -9.39 -5.45 -14.76
N ILE A 47 -8.26 -4.98 -14.23
CA ILE A 47 -7.55 -5.66 -13.15
C ILE A 47 -7.69 -4.95 -11.82
N GLY A 48 -8.33 -3.79 -11.79
CA GLY A 48 -8.53 -3.06 -10.56
C GLY A 48 -9.55 -1.95 -10.77
N ARG A 49 -10.18 -1.56 -9.67
CA ARG A 49 -11.20 -0.51 -9.70
C ARG A 49 -10.99 0.39 -8.49
N GLY A 50 -10.46 1.59 -8.75
CA GLY A 50 -10.37 2.62 -7.74
C GLY A 50 -11.54 3.57 -7.83
N HIS A 51 -11.61 4.48 -6.84
CA HIS A 51 -12.65 5.50 -6.88
C HIS A 51 -12.39 6.52 -7.98
N PHE A 52 -11.11 6.83 -8.23
CA PHE A 52 -10.75 7.76 -9.28
C PHE A 52 -10.78 7.14 -10.67
N GLY A 53 -10.86 5.82 -10.77
CA GLY A 53 -10.86 5.16 -12.06
C GLY A 53 -10.36 3.74 -11.95
N CYS A 54 -10.54 3.00 -13.04
CA CYS A 54 -10.19 1.60 -13.08
C CYS A 54 -8.71 1.40 -13.42
N VAL A 55 -8.27 0.15 -13.29
CA VAL A 55 -6.92 -0.26 -13.69
C VAL A 55 -7.07 -1.26 -14.83
N TYR A 56 -6.32 -1.04 -15.90
CA TYR A 56 -6.41 -1.86 -17.11
C TYR A 56 -5.08 -2.52 -17.41
N HIS A 57 -5.15 -3.66 -18.10
CA HIS A 57 -3.98 -4.22 -18.73
C HIS A 57 -3.45 -3.25 -19.78
N GLY A 58 -2.13 -3.19 -19.90
CA GLY A 58 -1.50 -2.26 -20.84
C GLY A 58 -0.29 -2.88 -21.49
N THR A 59 0.00 -2.39 -22.70
CA THR A 59 1.20 -2.75 -23.44
C THR A 59 2.00 -1.48 -23.69
N LEU A 60 3.24 -1.46 -23.20
CA LEU A 60 4.10 -0.30 -23.30
C LEU A 60 5.37 -0.66 -24.06
N LEU A 61 5.79 0.22 -24.96
CA LEU A 61 7.10 0.13 -25.59
C LEU A 61 8.12 0.97 -24.85
N ASP A 62 9.20 0.33 -24.42
CA ASP A 62 10.28 0.98 -23.72
C ASP A 62 11.00 1.98 -24.62
N ASN A 63 11.89 2.77 -24.01
CA ASN A 63 12.77 3.64 -24.78
C ASN A 63 13.73 2.83 -25.64
N ASP A 64 13.98 1.57 -25.29
CA ASP A 64 14.81 0.69 -26.09
C ASP A 64 14.00 -0.15 -27.08
N GLY A 65 12.70 0.10 -27.19
CA GLY A 65 11.89 -0.60 -28.16
C GLY A 65 11.45 -1.99 -27.77
N LYS A 66 11.38 -2.28 -26.47
CA LYS A 66 10.95 -3.59 -25.98
C LYS A 66 9.52 -3.50 -25.46
N LYS A 67 8.73 -4.52 -25.77
CA LYS A 67 7.34 -4.57 -25.33
C LYS A 67 7.27 -5.19 -23.94
N ILE A 68 6.64 -4.47 -23.01
CA ILE A 68 6.54 -4.91 -21.63
C ILE A 68 5.07 -4.87 -21.20
N HIS A 69 4.70 -5.82 -20.34
CA HIS A 69 3.41 -5.75 -19.68
C HIS A 69 3.39 -4.58 -18.71
N CYS A 70 2.20 -3.97 -18.55
CA CYS A 70 2.07 -2.87 -17.61
C CYS A 70 0.60 -2.71 -17.24
N ALA A 71 0.38 -2.04 -16.11
CA ALA A 71 -0.96 -1.70 -15.65
C ALA A 71 -1.18 -0.21 -15.84
N VAL A 72 -2.39 0.15 -16.28
CA VAL A 72 -2.75 1.52 -16.61
C VAL A 72 -3.87 1.93 -15.65
N LYS A 73 -3.56 2.84 -14.73
CA LYS A 73 -4.56 3.39 -13.81
C LYS A 73 -5.07 4.70 -14.37
N SER A 74 -6.38 4.78 -14.61
CA SER A 74 -7.00 5.99 -15.10
C SER A 74 -7.54 6.82 -13.94
N LEU A 75 -7.52 8.14 -14.14
CA LEU A 75 -8.07 9.10 -13.19
C LEU A 75 -9.20 9.89 -13.84
N ASN A 76 -10.02 9.21 -14.62
CA ASN A 76 -11.08 9.88 -15.37
C ASN A 76 -12.30 10.22 -14.52
N ARG A 77 -12.32 9.83 -13.24
CA ARG A 77 -13.42 10.19 -12.36
C ARG A 77 -13.20 11.52 -11.64
N ILE A 78 -11.99 12.05 -11.68
CA ILE A 78 -11.71 13.39 -11.14
C ILE A 78 -11.59 14.33 -12.33
N THR A 79 -12.61 15.17 -12.53
CA THR A 79 -12.71 16.06 -13.68
C THR A 79 -12.71 17.50 -13.18
N ASP A 80 -11.52 18.07 -13.02
CA ASP A 80 -11.33 19.44 -12.56
C ASP A 80 -9.89 19.85 -12.81
N ILE A 81 -9.68 20.95 -13.54
CA ILE A 81 -8.33 21.35 -13.92
C ILE A 81 -7.45 21.53 -12.69
N GLY A 82 -7.99 22.12 -11.63
CA GLY A 82 -7.22 22.38 -10.43
C GLY A 82 -6.99 21.16 -9.57
N GLU A 83 -8.00 20.29 -9.48
CA GLU A 83 -7.90 19.14 -8.59
C GLU A 83 -6.99 18.05 -9.17
N VAL A 84 -7.02 17.84 -10.47
CA VAL A 84 -6.09 16.89 -11.08
C VAL A 84 -4.68 17.43 -11.04
N SER A 85 -4.51 18.75 -11.16
CA SER A 85 -3.17 19.33 -11.08
C SER A 85 -2.56 19.16 -9.70
N GLN A 86 -3.37 19.31 -8.65
CA GLN A 86 -2.87 19.11 -7.30
C GLN A 86 -2.52 17.64 -7.06
N PHE A 87 -3.34 16.73 -7.58
CA PHE A 87 -3.06 15.31 -7.41
C PHE A 87 -1.77 14.92 -8.13
N LEU A 88 -1.55 15.47 -9.33
CA LEU A 88 -0.35 15.13 -10.09
C LEU A 88 0.91 15.65 -9.39
N THR A 89 0.91 16.93 -9.02
CA THR A 89 2.08 17.51 -8.36
C THR A 89 2.31 16.90 -6.98
N GLU A 90 1.24 16.50 -6.30
CA GLU A 90 1.41 15.81 -5.02
C GLU A 90 1.96 14.39 -5.21
N GLY A 91 1.64 13.76 -6.34
CA GLY A 91 2.02 12.39 -6.58
C GLY A 91 3.28 12.21 -7.39
N ILE A 92 3.68 13.23 -8.15
CA ILE A 92 4.83 13.12 -9.04
C ILE A 92 6.12 12.79 -8.29
N ILE A 93 6.13 12.94 -6.97
CA ILE A 93 7.33 12.64 -6.19
C ILE A 93 7.73 11.17 -6.31
N MET A 94 6.79 10.28 -6.67
CA MET A 94 7.14 8.87 -6.77
C MET A 94 8.11 8.60 -7.91
N LYS A 95 8.27 9.53 -8.85
CA LYS A 95 9.27 9.37 -9.90
C LYS A 95 10.69 9.37 -9.33
N ASP A 96 10.89 10.05 -8.20
CA ASP A 96 12.20 10.11 -7.56
C ASP A 96 12.45 8.94 -6.62
N PHE A 97 11.43 8.17 -6.29
CA PHE A 97 11.59 7.01 -5.42
C PHE A 97 12.07 5.81 -6.22
N SER A 98 12.99 5.05 -5.65
CA SER A 98 13.54 3.87 -6.32
C SER A 98 14.01 2.90 -5.24
N HIS A 99 13.25 1.81 -5.05
CA HIS A 99 13.56 0.79 -4.06
C HIS A 99 12.86 -0.49 -4.53
N PRO A 100 13.50 -1.65 -4.37
CA PRO A 100 12.91 -2.89 -4.89
C PRO A 100 11.56 -3.23 -4.27
N ASN A 101 11.26 -2.75 -3.06
CA ASN A 101 10.01 -3.05 -2.39
C ASN A 101 9.04 -1.87 -2.42
N VAL A 102 9.26 -0.91 -3.33
CA VAL A 102 8.39 0.23 -3.50
C VAL A 102 7.99 0.31 -4.97
N LEU A 103 6.69 0.40 -5.23
CA LEU A 103 6.19 0.42 -6.59
C LEU A 103 6.69 1.66 -7.31
N SER A 104 7.21 1.48 -8.52
CA SER A 104 7.78 2.56 -9.31
C SER A 104 6.76 3.11 -10.30
N LEU A 105 7.09 4.27 -10.86
CA LEU A 105 6.27 4.92 -11.87
C LEU A 105 6.94 4.76 -13.23
N LEU A 106 6.30 4.04 -14.14
CA LEU A 106 6.83 3.90 -15.49
C LEU A 106 6.66 5.19 -16.28
N GLY A 107 5.65 5.97 -15.93
CA GLY A 107 5.36 7.20 -16.64
C GLY A 107 3.87 7.49 -16.61
N ILE A 108 3.52 8.66 -17.12
CA ILE A 108 2.14 9.08 -17.23
C ILE A 108 1.85 9.45 -18.68
N CYS A 109 0.66 9.11 -19.13
CA CYS A 109 0.24 9.36 -20.51
C CYS A 109 -0.82 10.44 -20.50
N LEU A 110 -0.46 11.60 -21.03
CA LEU A 110 -1.39 12.71 -21.21
C LEU A 110 -2.01 12.59 -22.59
N ARG A 111 -3.34 12.53 -22.65
CA ARG A 111 -4.04 12.33 -23.92
C ARG A 111 -5.09 13.40 -24.18
N SER A 115 -8.23 12.36 -19.65
CA SER A 115 -7.89 11.13 -18.94
C SER A 115 -6.38 11.02 -18.73
N PRO A 116 -5.86 11.68 -17.69
CA PRO A 116 -4.44 11.54 -17.37
C PRO A 116 -4.09 10.15 -16.86
N LEU A 117 -3.51 9.32 -17.70
CA LEU A 117 -3.27 7.92 -17.36
C LEU A 117 -1.95 7.76 -16.61
N VAL A 118 -1.96 6.90 -15.59
CA VAL A 118 -0.77 6.55 -14.83
C VAL A 118 -0.37 5.15 -15.24
N VAL A 119 0.86 5.01 -15.72
CA VAL A 119 1.39 3.72 -16.19
C VAL A 119 2.31 3.15 -15.12
N LEU A 120 2.03 1.93 -14.71
CA LEU A 120 2.71 1.26 -13.62
C LEU A 120 3.17 -0.13 -14.05
N PRO A 121 4.19 -0.68 -13.40
CA PRO A 121 4.61 -2.05 -13.73
C PRO A 121 3.54 -3.06 -13.38
N TYR A 122 3.41 -4.08 -14.22
CA TYR A 122 2.41 -5.11 -14.00
C TYR A 122 2.89 -6.10 -12.94
N MET A 123 2.06 -6.32 -11.93
CA MET A 123 2.37 -7.25 -10.85
C MET A 123 1.59 -8.54 -11.08
N LYS A 124 2.31 -9.63 -11.33
CA LYS A 124 1.68 -10.86 -11.81
C LYS A 124 0.63 -11.38 -10.83
N HIS A 125 0.92 -11.31 -9.53
CA HIS A 125 0.05 -11.90 -8.53
C HIS A 125 -0.90 -10.90 -7.87
N GLY A 126 -0.99 -9.69 -8.41
CA GLY A 126 -1.97 -8.74 -7.90
C GLY A 126 -1.63 -8.25 -6.50
N ASP A 127 -2.68 -7.86 -5.77
CA ASP A 127 -2.50 -7.34 -4.42
C ASP A 127 -2.15 -8.47 -3.45
N LEU A 128 -1.38 -8.11 -2.42
CA LEU A 128 -0.82 -9.12 -1.53
C LEU A 128 -1.90 -9.89 -0.79
N ARG A 129 -2.96 -9.20 -0.34
CA ARG A 129 -3.98 -9.87 0.48
C ARG A 129 -4.76 -10.89 -0.35
N ASN A 130 -5.08 -10.56 -1.60
CA ASN A 130 -5.82 -11.51 -2.42
C ASN A 130 -4.98 -12.75 -2.74
N PHE A 131 -3.67 -12.59 -2.84
CA PHE A 131 -2.80 -13.74 -3.10
C PHE A 131 -2.84 -14.72 -1.93
N ILE A 132 -2.65 -14.22 -0.70
CA ILE A 132 -2.61 -15.10 0.46
C ILE A 132 -3.99 -15.63 0.83
N ARG A 133 -5.06 -14.92 0.44
CA ARG A 133 -6.40 -15.43 0.66
C ARG A 133 -6.77 -16.55 -0.30
N ASN A 134 -6.08 -16.66 -1.43
CA ASN A 134 -6.42 -17.65 -2.44
C ASN A 134 -6.07 -19.05 -1.94
N GLU A 135 -7.09 -19.93 -1.91
CA GLU A 135 -6.90 -21.29 -1.43
C GLU A 135 -5.88 -22.06 -2.25
N THR A 136 -5.92 -21.91 -3.57
CA THR A 136 -5.06 -22.68 -4.46
C THR A 136 -3.59 -22.30 -4.35
N HIS A 137 -3.25 -21.28 -3.57
CA HIS A 137 -1.87 -20.92 -3.30
C HIS A 137 -1.42 -21.52 -1.98
N ASN A 138 -0.15 -21.89 -1.92
CA ASN A 138 0.41 -22.57 -0.75
C ASN A 138 1.64 -21.84 -0.24
N PRO A 139 1.47 -20.62 0.28
CA PRO A 139 2.60 -19.94 0.93
C PRO A 139 2.89 -20.57 2.28
N THR A 140 4.17 -20.74 2.57
CA THR A 140 4.57 -21.29 3.85
C THR A 140 4.63 -20.19 4.91
N VAL A 141 4.78 -20.61 6.17
CA VAL A 141 4.94 -19.64 7.26
C VAL A 141 6.16 -18.78 7.02
N LYS A 142 7.20 -19.33 6.37
CA LYS A 142 8.40 -18.56 6.08
C LYS A 142 8.18 -17.61 4.91
N ASP A 143 7.39 -18.02 3.91
CA ASP A 143 7.02 -17.10 2.84
C ASP A 143 6.30 -15.88 3.41
N LEU A 144 5.34 -16.11 4.30
CA LEU A 144 4.55 -15.01 4.85
C LEU A 144 5.42 -14.07 5.68
N ILE A 145 6.35 -14.62 6.46
CA ILE A 145 7.26 -13.76 7.23
C ILE A 145 8.14 -12.95 6.28
N GLY A 146 8.62 -13.58 5.21
CA GLY A 146 9.44 -12.86 4.24
C GLY A 146 8.70 -11.76 3.52
N PHE A 147 7.41 -11.97 3.26
CA PHE A 147 6.58 -10.91 2.68
C PHE A 147 6.54 -9.70 3.61
N GLY A 148 6.33 -9.92 4.90
CA GLY A 148 6.32 -8.81 5.84
C GLY A 148 7.66 -8.13 5.98
N LEU A 149 8.76 -8.89 5.84
CA LEU A 149 10.08 -8.27 5.84
C LEU A 149 10.28 -7.37 4.63
N GLN A 150 9.74 -7.79 3.47
CA GLN A 150 9.83 -6.95 2.28
C GLN A 150 9.04 -5.66 2.46
N VAL A 151 7.85 -5.75 3.05
CA VAL A 151 7.06 -4.55 3.32
C VAL A 151 7.80 -3.63 4.28
N ALA A 152 8.45 -4.21 5.30
CA ALA A 152 9.23 -3.41 6.23
C ALA A 152 10.40 -2.73 5.53
N LYS A 153 11.03 -3.42 4.59
CA LYS A 153 12.14 -2.82 3.85
C LYS A 153 11.67 -1.65 3.00
N GLY A 154 10.53 -1.81 2.32
CA GLY A 154 9.99 -0.71 1.53
C GLY A 154 9.55 0.45 2.40
N MET A 155 8.94 0.15 3.55
CA MET A 155 8.51 1.21 4.45
C MET A 155 9.70 1.93 5.09
N LYS A 156 10.79 1.21 5.34
CA LYS A 156 12.00 1.85 5.86
C LYS A 156 12.55 2.85 4.87
N TYR A 157 12.47 2.53 3.58
CA TYR A 157 12.95 3.46 2.55
C TYR A 157 12.10 4.72 2.50
N LEU A 158 10.78 4.57 2.51
CA LEU A 158 9.90 5.72 2.42
C LEU A 158 10.01 6.61 3.65
N ALA A 159 10.13 6.00 4.83
CA ALA A 159 10.33 6.79 6.04
C ALA A 159 11.66 7.54 6.00
N SER A 160 12.67 6.96 5.37
CA SER A 160 13.95 7.65 5.22
C SER A 160 13.81 8.92 4.38
N LYS A 161 12.94 8.89 3.38
CA LYS A 161 12.64 10.07 2.58
C LYS A 161 11.57 10.94 3.20
N LYS A 162 11.21 10.70 4.46
CA LYS A 162 10.19 11.46 5.18
C LYS A 162 8.83 11.38 4.48
N PHE A 163 8.52 10.23 3.91
CA PHE A 163 7.26 10.00 3.23
C PHE A 163 6.33 9.19 4.13
N VAL A 164 5.17 9.74 4.43
CA VAL A 164 4.16 9.08 5.27
C VAL A 164 3.16 8.40 4.35
N HIS A 165 3.00 7.09 4.52
CA HIS A 165 2.08 6.28 3.70
C HIS A 165 0.81 6.02 4.52
N ARG A 166 -0.12 6.97 4.47
CA ARG A 166 -1.26 6.98 5.38
C ARG A 166 -2.17 5.76 5.27
N ASP A 167 -1.97 4.87 4.30
CA ASP A 167 -2.90 3.77 4.05
C ASP A 167 -2.11 2.48 3.77
N LEU A 168 -1.36 2.02 4.78
CA LEU A 168 -0.58 0.79 4.66
C LEU A 168 -1.44 -0.40 5.06
N ALA A 169 -1.59 -1.36 4.14
CA ALA A 169 -2.41 -2.54 4.37
C ALA A 169 -2.03 -3.60 3.35
N ALA A 170 -2.41 -4.85 3.64
CA ALA A 170 -2.08 -5.96 2.75
C ALA A 170 -2.73 -5.79 1.38
N ARG A 171 -3.94 -5.22 1.34
CA ARG A 171 -4.60 -4.95 0.06
C ARG A 171 -3.87 -3.90 -0.76
N ASN A 172 -2.98 -3.12 -0.14
CA ASN A 172 -2.31 -2.02 -0.80
C ASN A 172 -0.84 -2.32 -1.12
N CYS A 173 -0.41 -3.56 -0.92
CA CYS A 173 0.88 -4.03 -1.40
C CYS A 173 0.68 -5.02 -2.53
N MET A 174 1.62 -5.05 -3.46
CA MET A 174 1.54 -5.90 -4.63
C MET A 174 2.62 -6.98 -4.59
N LEU A 175 2.41 -8.02 -5.40
CA LEU A 175 3.33 -9.16 -5.49
C LEU A 175 3.59 -9.44 -6.96
N ASP A 176 4.84 -9.28 -7.39
CA ASP A 176 5.19 -9.35 -8.81
C ASP A 176 5.60 -10.78 -9.18
N GLU A 177 6.29 -10.93 -10.32
CA GLU A 177 6.59 -12.26 -10.85
C GLU A 177 7.58 -13.00 -9.96
N LYS A 178 8.58 -12.29 -9.40
CA LYS A 178 9.62 -12.91 -8.61
C LYS A 178 9.32 -12.92 -7.12
N PHE A 179 8.04 -12.91 -6.75
CA PHE A 179 7.62 -12.90 -5.35
C PHE A 179 8.18 -11.69 -4.59
N THR A 180 8.40 -10.59 -5.29
CA THR A 180 8.90 -9.36 -4.68
C THR A 180 7.71 -8.47 -4.33
N VAL A 181 7.56 -8.14 -3.06
CA VAL A 181 6.44 -7.32 -2.61
C VAL A 181 6.77 -5.85 -2.86
N LYS A 182 5.82 -5.13 -3.45
CA LYS A 182 5.97 -3.70 -3.70
C LYS A 182 4.92 -2.95 -2.89
N VAL A 183 5.38 -2.05 -2.02
CA VAL A 183 4.47 -1.15 -1.32
C VAL A 183 3.86 -0.19 -2.34
N ALA A 184 2.54 -0.21 -2.45
CA ALA A 184 1.87 0.59 -3.46
C ALA A 184 0.85 1.53 -2.81
N ASP A 185 -0.12 2.00 -3.60
CA ASP A 185 -1.17 2.91 -3.13
C ASP A 185 -0.58 4.18 -2.51
N PHE A 186 0.25 4.85 -3.31
CA PHE A 186 0.82 6.13 -2.89
C PHE A 186 1.17 6.93 -4.13
N GLY A 187 1.23 8.24 -3.96
CA GLY A 187 1.53 9.11 -5.08
C GLY A 187 0.42 9.06 -6.12
N LEU A 188 0.80 8.90 -7.38
CA LEU A 188 -0.20 8.83 -8.45
C LEU A 188 -1.00 7.54 -8.43
N ALA A 189 -0.54 6.53 -7.69
CA ALA A 189 -1.27 5.27 -7.56
C ALA A 189 -2.24 5.27 -6.38
N ARG A 190 -2.32 6.36 -5.62
CA ARG A 190 -3.16 6.41 -4.44
C ARG A 190 -4.64 6.39 -4.82
N ASP A 191 -5.40 5.51 -4.17
CA ASP A 191 -6.83 5.39 -4.41
C ASP A 191 -7.42 4.45 -3.36
N MET A 192 -8.75 4.39 -3.35
CA MET A 192 -9.48 3.39 -2.57
C MET A 192 -9.83 2.25 -3.52
N TYR A 193 -9.12 1.14 -3.40
CA TYR A 193 -9.38 -0.01 -4.24
C TYR A 193 -10.32 -1.03 -3.60
N ASP A 194 -10.65 -0.85 -2.32
CA ASP A 194 -11.63 -1.69 -1.64
C ASP A 194 -12.44 -0.79 -0.71
N LYS A 195 -13.64 -0.41 -1.16
CA LYS A 195 -14.48 0.55 -0.44
C LYS A 195 -14.92 0.06 0.93
N GLU A 196 -14.88 -1.25 1.17
CA GLU A 196 -15.51 -1.83 2.35
C GLU A 196 -14.87 -1.33 3.65
N TYR A 197 -13.57 -1.09 3.64
CA TYR A 197 -12.81 -0.86 4.87
C TYR A 197 -12.53 0.61 5.14
N TYR A 198 -13.16 1.52 4.41
CA TYR A 198 -12.90 2.94 4.55
C TYR A 198 -14.14 3.68 5.01
N SER A 199 -13.93 4.71 5.82
CA SER A 199 -14.96 5.66 6.20
C SER A 199 -14.60 7.02 5.62
N VAL A 200 -15.57 7.68 5.01
CA VAL A 200 -15.37 9.01 4.44
C VAL A 200 -15.81 10.03 5.48
N HIS A 201 -14.83 10.73 6.06
CA HIS A 201 -15.12 11.88 6.90
C HIS A 201 -15.97 12.86 6.12
N ASN A 202 -17.04 13.37 6.75
CA ASN A 202 -18.03 14.15 6.02
C ASN A 202 -17.80 15.66 6.12
N LYS A 203 -16.66 16.10 6.64
CA LYS A 203 -16.22 17.48 6.50
C LYS A 203 -14.98 17.56 5.61
N THR A 204 -13.85 17.06 6.08
CA THR A 204 -12.72 16.84 5.18
C THR A 204 -13.09 15.78 4.15
N GLY A 205 -12.27 15.67 3.13
CA GLY A 205 -12.50 14.59 2.19
C GLY A 205 -11.89 13.27 2.59
N ALA A 206 -11.29 13.21 3.77
CA ALA A 206 -10.38 12.12 4.13
C ALA A 206 -11.08 10.78 4.12
N LYS A 207 -10.44 9.80 3.50
CA LYS A 207 -10.88 8.41 3.50
C LYS A 207 -10.03 7.65 4.51
N LEU A 208 -10.68 7.09 5.53
CA LEU A 208 -9.99 6.57 6.69
C LEU A 208 -10.14 5.06 6.77
N PRO A 209 -9.05 4.29 6.67
CA PRO A 209 -9.13 2.85 6.93
C PRO A 209 -9.21 2.57 8.41
N VAL A 210 -10.43 2.53 8.95
CA VAL A 210 -10.64 2.62 10.39
C VAL A 210 -9.87 1.55 11.14
N LYS A 211 -9.93 0.31 10.67
CA LYS A 211 -9.36 -0.82 11.40
C LYS A 211 -7.86 -1.01 11.13
N TRP A 212 -7.24 -0.09 10.41
CA TRP A 212 -5.80 -0.09 10.22
C TRP A 212 -5.11 1.13 10.82
N MET A 213 -5.86 2.10 11.32
CA MET A 213 -5.27 3.34 11.82
C MET A 213 -4.83 3.22 13.27
N ALA A 214 -3.77 3.94 13.59
CA ALA A 214 -3.32 4.04 14.97
C ALA A 214 -4.41 4.68 15.83
N LEU A 215 -4.32 4.44 17.15
CA LEU A 215 -5.31 4.99 18.07
C LEU A 215 -5.34 6.51 17.98
N GLU A 216 -4.17 7.16 18.00
CA GLU A 216 -4.11 8.60 17.90
C GLU A 216 -4.59 9.11 16.54
N SER A 217 -4.55 8.28 15.50
CA SER A 217 -5.08 8.70 14.21
C SER A 217 -6.60 8.70 14.22
N LEU A 218 -7.22 7.73 14.91
CA LEU A 218 -8.66 7.71 15.03
C LEU A 218 -9.18 8.92 15.79
N GLN A 219 -8.38 9.47 16.70
CA GLN A 219 -8.81 10.57 17.55
C GLN A 219 -8.55 11.94 16.93
N THR A 220 -7.47 12.07 16.15
CA THR A 220 -7.05 13.36 15.63
C THR A 220 -6.97 13.44 14.11
N GLN A 221 -7.00 12.30 13.40
CA GLN A 221 -6.98 12.24 11.95
C GLN A 221 -5.69 12.79 11.33
N LYS A 222 -4.61 12.88 12.09
CA LYS A 222 -3.30 13.18 11.53
C LYS A 222 -2.46 11.92 11.55
N PHE A 223 -1.53 11.83 10.60
CA PHE A 223 -0.79 10.60 10.35
C PHE A 223 0.70 10.90 10.30
N THR A 224 1.49 10.05 10.93
CA THR A 224 2.95 10.16 10.94
C THR A 224 3.55 8.82 10.53
N THR A 225 4.88 8.78 10.47
CA THR A 225 5.58 7.52 10.26
C THR A 225 5.28 6.53 11.38
N LYS A 226 5.11 7.03 12.61
CA LYS A 226 4.80 6.14 13.72
C LYS A 226 3.39 5.55 13.60
N SER A 227 2.46 6.29 12.99
CA SER A 227 1.15 5.71 12.72
C SER A 227 1.24 4.68 11.59
N ASP A 228 2.22 4.82 10.71
CA ASP A 228 2.47 3.80 9.69
C ASP A 228 2.96 2.51 10.33
N VAL A 229 3.76 2.63 11.40
CA VAL A 229 4.25 1.44 12.09
C VAL A 229 3.09 0.67 12.69
N TRP A 230 2.09 1.38 13.26
CA TRP A 230 0.91 0.71 13.76
C TRP A 230 0.22 -0.08 12.64
N SER A 231 0.02 0.55 11.49
CA SER A 231 -0.62 -0.14 10.37
C SER A 231 0.21 -1.32 9.90
N PHE A 232 1.54 -1.20 9.96
CA PHE A 232 2.40 -2.32 9.58
C PHE A 232 2.17 -3.53 10.47
N GLY A 233 1.93 -3.30 11.76
CA GLY A 233 1.61 -4.40 12.65
C GLY A 233 0.32 -5.10 12.26
N VAL A 234 -0.68 -4.33 11.84
CA VAL A 234 -1.92 -4.92 11.34
C VAL A 234 -1.65 -5.69 10.05
N LEU A 235 -0.80 -5.13 9.18
CA LEU A 235 -0.40 -5.82 7.96
C LEU A 235 0.26 -7.15 8.29
N LEU A 236 1.19 -7.14 9.25
CA LEU A 236 1.85 -8.38 9.67
C LEU A 236 0.84 -9.38 10.18
N TRP A 237 -0.12 -8.93 10.99
CA TRP A 237 -1.19 -9.80 11.47
C TRP A 237 -2.02 -10.34 10.32
N GLU A 238 -2.28 -9.51 9.30
CA GLU A 238 -2.99 -9.99 8.11
C GLU A 238 -2.23 -11.13 7.45
N LEU A 239 -0.91 -11.00 7.33
CA LEU A 239 -0.11 -12.02 6.65
C LEU A 239 -0.17 -13.35 7.40
N MET A 240 -0.09 -13.32 8.73
CA MET A 240 -0.06 -14.56 9.51
C MET A 240 -1.42 -15.22 9.62
N THR A 241 -2.50 -14.49 9.37
CA THR A 241 -3.83 -15.09 9.25
C THR A 241 -4.19 -15.40 7.81
N ARG A 242 -3.31 -15.09 6.86
CA ARG A 242 -3.54 -15.30 5.43
C ARG A 242 -4.75 -14.52 4.94
N GLY A 243 -4.87 -13.28 5.39
CA GLY A 243 -5.87 -12.36 4.87
C GLY A 243 -7.17 -12.28 5.64
N ALA A 244 -7.18 -12.66 6.91
CA ALA A 244 -8.40 -12.52 7.69
C ALA A 244 -8.66 -11.04 8.00
N PRO A 245 -9.91 -10.61 8.05
CA PRO A 245 -10.20 -9.21 8.35
C PRO A 245 -10.00 -8.92 9.83
N PRO A 246 -9.28 -7.84 10.15
CA PRO A 246 -8.99 -7.55 11.57
C PRO A 246 -10.22 -7.07 12.32
N TYR A 247 -10.28 -7.44 13.60
CA TYR A 247 -11.39 -7.15 14.51
C TYR A 247 -12.73 -7.46 13.86
N PRO A 248 -13.04 -8.74 13.58
CA PRO A 248 -14.30 -9.05 12.91
C PRO A 248 -15.53 -8.87 13.80
N ASP A 249 -15.36 -8.83 15.11
CA ASP A 249 -16.47 -8.71 16.04
C ASP A 249 -16.54 -7.34 16.72
N VAL A 250 -15.74 -6.37 16.24
CA VAL A 250 -15.70 -5.03 16.81
C VAL A 250 -16.20 -4.08 15.74
N ASN A 251 -17.34 -3.43 15.99
CA ASN A 251 -17.87 -2.49 15.01
C ASN A 251 -16.99 -1.24 14.96
N THR A 252 -17.16 -0.47 13.87
CA THR A 252 -16.29 0.67 13.61
C THR A 252 -16.46 1.81 14.60
N PHE A 253 -17.48 1.78 15.45
CA PHE A 253 -17.58 2.78 16.50
C PHE A 253 -16.82 2.35 17.75
N ASP A 254 -16.99 1.10 18.17
CA ASP A 254 -16.39 0.57 19.39
C ASP A 254 -14.90 0.33 19.27
N ILE A 255 -14.30 0.57 18.09
CA ILE A 255 -12.89 0.23 17.88
C ILE A 255 -12.00 1.11 18.74
N THR A 256 -12.36 2.38 18.92
CA THR A 256 -11.49 3.29 19.65
C THR A 256 -11.49 2.99 21.15
N VAL A 257 -12.65 2.64 21.71
CA VAL A 257 -12.68 2.23 23.10
C VAL A 257 -11.97 0.89 23.27
N TYR A 258 -12.25 -0.07 22.38
CA TYR A 258 -11.57 -1.36 22.40
C TYR A 258 -10.06 -1.20 22.48
N LEU A 259 -9.51 -0.26 21.70
CA LEU A 259 -8.07 -0.01 21.73
C LEU A 259 -7.65 0.74 22.99
N LEU A 260 -8.51 1.63 23.50
CA LEU A 260 -8.17 2.39 24.70
C LEU A 260 -8.12 1.52 25.95
N GLN A 261 -8.82 0.38 25.96
CA GLN A 261 -8.73 -0.57 27.07
C GLN A 261 -7.49 -1.45 26.98
N GLY A 262 -6.61 -1.22 26.01
CA GLY A 262 -5.45 -2.06 25.83
C GLY A 262 -5.68 -3.34 25.06
N ARG A 263 -6.92 -3.61 24.65
CA ARG A 263 -7.19 -4.80 23.85
C ARG A 263 -6.57 -4.67 22.47
N ARG A 264 -6.05 -5.77 21.95
CA ARG A 264 -5.36 -5.78 20.68
C ARG A 264 -5.76 -7.01 19.89
N LEU A 265 -5.32 -7.07 18.64
CA LEU A 265 -5.53 -8.25 17.81
C LEU A 265 -4.80 -9.44 18.43
N LEU A 266 -5.50 -10.57 18.53
CA LEU A 266 -4.94 -11.74 19.19
C LEU A 266 -3.93 -12.44 18.29
N GLN A 267 -3.09 -13.26 18.91
CA GLN A 267 -2.01 -13.92 18.21
C GLN A 267 -2.58 -14.98 17.26
N PRO A 268 -2.24 -14.96 15.98
CA PRO A 268 -2.70 -16.00 15.07
C PRO A 268 -2.13 -17.36 15.47
N GLU A 269 -2.82 -18.42 15.04
CA GLU A 269 -2.48 -19.76 15.47
C GLU A 269 -1.07 -20.14 15.04
N TYR A 270 -0.68 -19.78 13.82
CA TYR A 270 0.60 -20.17 13.26
C TYR A 270 1.57 -18.99 13.15
N CYS A 271 1.46 -18.04 14.08
CA CYS A 271 2.38 -16.93 14.16
C CYS A 271 3.41 -17.22 15.23
N PRO A 272 4.71 -17.18 14.92
CA PRO A 272 5.72 -17.40 15.96
C PRO A 272 5.62 -16.34 17.05
N ASP A 273 5.88 -16.76 18.29
CA ASP A 273 5.86 -15.85 19.43
C ASP A 273 6.72 -14.61 19.23
N PRO A 274 7.98 -14.70 18.75
CA PRO A 274 8.75 -13.46 18.55
C PRO A 274 8.14 -12.53 17.53
N LEU A 275 7.40 -13.05 16.55
CA LEU A 275 6.78 -12.18 15.56
C LEU A 275 5.56 -11.47 16.13
N TYR A 276 4.76 -12.17 16.94
CA TYR A 276 3.63 -11.51 17.60
C TYR A 276 4.09 -10.40 18.53
N GLU A 277 5.24 -10.59 19.19
CA GLU A 277 5.78 -9.54 20.03
C GLU A 277 6.16 -8.31 19.22
N VAL A 278 6.57 -8.51 17.96
CA VAL A 278 6.83 -7.38 17.09
C VAL A 278 5.56 -6.60 16.81
N MET A 279 4.46 -7.31 16.52
CA MET A 279 3.19 -6.62 16.29
C MET A 279 2.74 -5.86 17.52
N LEU A 280 2.88 -6.47 18.71
CA LEU A 280 2.51 -5.78 19.95
C LEU A 280 3.31 -4.51 20.15
N LYS A 281 4.57 -4.50 19.72
CA LYS A 281 5.37 -3.27 19.80
C LYS A 281 4.82 -2.20 18.87
N CYS A 282 4.27 -2.60 17.73
CA CYS A 282 3.73 -1.63 16.77
C CYS A 282 2.45 -0.97 17.27
N TRP A 283 1.78 -1.56 18.26
CA TRP A 283 0.46 -1.11 18.70
C TRP A 283 0.51 -0.43 20.07
N HIS A 284 1.65 0.11 20.45
CA HIS A 284 1.75 0.75 21.76
C HIS A 284 1.00 2.08 21.75
N PRO A 285 0.27 2.41 22.83
CA PRO A 285 -0.47 3.67 22.88
C PRO A 285 0.35 4.91 22.54
N LYS A 286 1.62 4.94 22.92
CA LYS A 286 2.48 6.09 22.64
C LYS A 286 3.20 5.89 21.32
N ALA A 287 3.10 6.88 20.43
CA ALA A 287 3.73 6.76 19.12
C ALA A 287 5.25 6.70 19.21
N GLU A 288 5.84 7.39 20.20
CA GLU A 288 7.29 7.38 20.35
C GLU A 288 7.81 6.03 20.87
N MET A 289 6.97 5.23 21.52
CA MET A 289 7.30 3.88 21.97
C MET A 289 7.46 2.88 20.85
N ARG A 290 6.80 3.08 19.72
CA ARG A 290 6.84 2.08 18.66
C ARG A 290 8.19 2.08 17.95
N PRO A 291 8.63 0.93 17.47
CA PRO A 291 9.92 0.86 16.78
C PRO A 291 9.89 1.60 15.46
N SER A 292 11.05 2.12 15.07
CA SER A 292 11.22 2.63 13.72
C SER A 292 11.15 1.48 12.72
N PHE A 293 10.94 1.83 11.45
CA PHE A 293 10.93 0.79 10.43
C PHE A 293 12.31 0.16 10.26
N SER A 294 13.37 0.91 10.56
CA SER A 294 14.71 0.33 10.55
C SER A 294 14.87 -0.72 11.64
N GLU A 295 14.31 -0.45 12.83
CA GLU A 295 14.31 -1.46 13.89
C GLU A 295 13.41 -2.64 13.53
N LEU A 296 12.32 -2.39 12.82
CA LEU A 296 11.46 -3.48 12.38
C LEU A 296 12.17 -4.39 11.39
N VAL A 297 12.93 -3.81 10.46
CA VAL A 297 13.67 -4.61 9.49
C VAL A 297 14.67 -5.52 10.19
N SER A 298 15.34 -5.00 11.22
CA SER A 298 16.32 -5.81 11.95
C SER A 298 15.65 -6.96 12.69
N ARG A 299 14.57 -6.68 13.42
CA ARG A 299 13.92 -7.72 14.22
C ARG A 299 13.29 -8.79 13.34
N ILE A 300 12.69 -8.39 12.20
CA ILE A 300 12.03 -9.37 11.34
C ILE A 300 13.06 -10.23 10.61
N SER A 301 14.13 -9.60 10.10
CA SER A 301 15.16 -10.36 9.42
C SER A 301 15.85 -11.35 10.36
N ALA A 302 15.92 -11.03 11.65
CA ALA A 302 16.44 -12.00 12.62
C ALA A 302 15.48 -13.17 12.78
N ILE A 303 14.17 -12.89 12.84
CA ILE A 303 13.18 -13.96 12.90
C ILE A 303 13.19 -14.75 11.60
N PHE A 304 13.47 -14.09 10.47
CA PHE A 304 13.44 -14.77 9.18
C PHE A 304 14.60 -15.76 9.02
N SER A 305 15.75 -15.45 9.59
CA SER A 305 16.94 -16.28 9.43
C SER A 305 17.02 -17.41 10.46
N THR A 306 16.20 -17.40 11.49
CA THR A 306 16.24 -18.43 12.52
C THR A 306 15.07 -19.39 12.35
N PHE A 307 14.72 -20.09 13.43
CA PHE A 307 13.68 -21.14 13.48
C PHE A 307 14.18 -22.46 12.88
CAB I94 B . -4.75 -7.27 -10.41
CAC I94 B . -3.52 -7.17 -10.90
CAD I94 B . -3.14 -8.36 -11.35
CAF I94 B . -4.17 -10.60 -11.50
CAG I94 B . -2.75 -6.08 -10.92
CAH I94 B . -3.11 -4.88 -10.31
CAI I94 B . -2.23 -3.80 -10.35
CAJ I94 B . -0.99 -3.95 -11.00
CAL I94 B . -1.52 -6.19 -11.54
CAM I94 B . -2.54 -2.57 -9.76
CAN I94 B . -1.63 -1.52 -9.81
CAO I94 B . -0.41 -1.69 -10.46
CAP I94 B . -0.09 -2.90 -11.05
CAQ I94 B . -1.83 -0.25 -9.26
CAR I94 B . -3.14 -0.07 -8.51
CAU I94 B . -4.28 -2.17 -5.95
CAV I94 B . -3.56 -1.93 -4.78
CAW I94 B . -2.58 -0.95 -4.90
CAX I94 B . -2.42 -0.32 -6.13
CAY I94 B . -5.31 -3.10 -6.04
CAZ I94 B . -5.65 -3.58 -7.30
CBA I94 B . -6.68 -4.50 -7.44
CBB I94 B . -7.39 -4.92 -6.33
CBC I94 B . -7.07 -4.43 -5.05
CBD I94 B . -6.03 -3.51 -4.93
CBF I94 B . -8.43 -5.84 -6.56
CBI I94 B . -9.07 -8.00 -7.39
CBJ I94 B . -7.75 -4.80 -3.88
FBK I94 B . -6.99 -4.49 -2.84
FBL I94 B . -7.99 -6.13 -3.84
FBM I94 B . -8.88 -4.13 -3.79
NAA I94 B . -5.10 -8.54 -10.59
NAE I94 B . -4.17 -9.17 -11.14
NAK I94 B . -0.65 -5.10 -11.57
NAS I94 B . -3.22 -0.69 -7.16
NAT I94 B . -4.02 -1.48 -7.05
NBH I94 B . -8.03 -6.99 -7.12
OBE I94 B . -1.57 0.54 -6.26
OBG I94 B . -9.60 -5.58 -6.29
#